data_6LW8
#
_entry.id   6LW8
#
_cell.length_a   95.390
_cell.length_b   95.390
_cell.length_c   201.683
_cell.angle_alpha   90.000
_cell.angle_beta   90.000
_cell.angle_gamma   120.000
#
_symmetry.space_group_name_H-M   'P 61 2 2'
#
loop_
_entity.id
_entity.type
_entity.pdbx_description
1 polymer 'DNA ligase A'
2 non-polymer GLYCEROL
3 non-polymer (4R)-4-(4-fluorophenyl)-4,5,6,7-tetrahydro-1H-imidazo[4,5-c]pyridine
4 non-polymer 'SULFATE ION'
5 water water
#
_entity_poly.entity_id   1
_entity_poly.type   'polypeptide(L)'
_entity_poly.pdbx_seq_one_letter_code
;MSSPDADQTAPEVLRQWQALAEEVREHQFRYYVRDAPIISDAEFDELLRRLEALEEQHPELRTPDSPTQLVGGAGFATDF
EPVDHLERMLSLDNAFTADELAAWAGRIHAEVGDAAHYLCELKIDGVALSLVYREGRLTRASTRGDGRTGEDVTLNARTI
ADVPERLTPGDDYPVPEVLEVRGEVFFRLDDFQALNASLVEEGKAPFANPRNSAAGSLRQKDPAVTARRRLRMICHGLGH
VEGFRPATLHQAYLALRAWGLPVSEHTTLATDLAGVRERIDYWGEHRHEVDHEIDGVVVKVDEVALQRRLGSTSRAPRWA
IAYKYPPEHHHHHH
;
_entity_poly.pdbx_strand_id   A
#
# COMPACT_ATOMS: atom_id res chain seq x y z
N THR A 9 -26.27 -25.18 3.39
CA THR A 9 -27.00 -24.49 2.33
C THR A 9 -28.22 -23.70 2.87
N ALA A 10 -28.85 -24.11 3.98
CA ALA A 10 -29.88 -23.26 4.56
C ALA A 10 -29.22 -21.94 4.91
N PRO A 11 -29.96 -20.81 4.87
CA PRO A 11 -29.31 -19.51 4.98
C PRO A 11 -28.48 -19.33 6.24
N GLU A 12 -29.01 -19.61 7.44
CA GLU A 12 -28.10 -19.42 8.59
C GLU A 12 -26.92 -20.38 8.53
N VAL A 13 -27.08 -21.59 7.97
CA VAL A 13 -25.93 -22.49 7.87
C VAL A 13 -24.79 -21.80 7.12
N LEU A 14 -25.10 -21.26 5.93
CA LEU A 14 -24.04 -20.68 5.10
C LEU A 14 -23.47 -19.41 5.75
N ARG A 15 -24.32 -18.56 6.38
CA ARG A 15 -23.74 -17.37 7.05
C ARG A 15 -22.77 -17.79 8.16
N GLN A 16 -23.16 -18.83 8.91
CA GLN A 16 -22.36 -19.32 10.04
C GLN A 16 -21.00 -19.80 9.58
N TRP A 17 -21.00 -20.70 8.61
CA TRP A 17 -19.78 -21.32 8.10
C TRP A 17 -18.80 -20.29 7.53
N GLN A 18 -19.24 -19.48 6.58
CA GLN A 18 -18.40 -18.42 6.05
C GLN A 18 -17.78 -17.60 7.17
N ALA A 19 -18.59 -17.15 8.11
CA ALA A 19 -18.04 -16.23 9.10
C ALA A 19 -16.96 -16.94 9.91
N LEU A 20 -17.11 -18.27 10.11
CA LEU A 20 -16.20 -19.01 10.97
C LEU A 20 -14.98 -19.50 10.19
N ALA A 21 -15.21 -20.03 8.98
CA ALA A 21 -14.13 -20.34 8.07
C ALA A 21 -13.25 -19.12 7.78
N GLU A 22 -13.87 -17.94 7.58
CA GLU A 22 -13.09 -16.70 7.45
C GLU A 22 -12.30 -16.42 8.73
N GLU A 23 -12.91 -16.52 9.91
CA GLU A 23 -12.18 -16.26 11.16
C GLU A 23 -11.04 -17.28 11.37
N VAL A 24 -11.28 -18.59 11.19
CA VAL A 24 -10.16 -19.50 11.45
C VAL A 24 -9.08 -19.31 10.38
N ARG A 25 -9.46 -19.03 9.12
CA ARG A 25 -8.46 -18.92 8.06
C ARG A 25 -7.53 -17.75 8.33
N GLU A 26 -8.07 -16.73 8.93
CA GLU A 26 -7.27 -15.63 9.22
C GLU A 26 -6.32 -16.15 10.24
N HIS A 27 -6.79 -16.71 11.32
CA HIS A 27 -5.95 -17.03 12.39
C HIS A 27 -4.89 -17.98 11.95
N GLN A 28 -5.22 -18.97 11.16
CA GLN A 28 -4.20 -19.82 10.55
C GLN A 28 -3.12 -18.97 9.89
N PHE A 29 -3.54 -17.93 9.15
CA PHE A 29 -2.60 -17.10 8.41
C PHE A 29 -1.67 -16.36 9.36
N ARG A 30 -2.21 -15.79 10.42
CA ARG A 30 -1.39 -15.01 11.35
C ARG A 30 -0.44 -15.92 12.14
N TYR A 31 -0.92 -17.11 12.53
CA TYR A 31 -0.04 -18.03 13.25
C TYR A 31 1.08 -18.56 12.36
N TYR A 32 0.73 -19.19 11.25
CA TYR A 32 1.75 -19.81 10.40
C TYR A 32 2.56 -18.77 9.60
N VAL A 33 1.92 -17.99 8.72
CA VAL A 33 2.72 -17.13 7.83
C VAL A 33 3.44 -16.04 8.62
N ARG A 34 2.70 -15.25 9.39
CA ARG A 34 3.22 -14.09 10.10
C ARG A 34 3.84 -14.41 11.46
N ASP A 35 3.71 -15.66 11.90
CA ASP A 35 4.21 -16.10 13.20
C ASP A 35 3.76 -15.16 14.32
N ALA A 36 2.53 -14.67 14.23
CA ALA A 36 2.04 -13.71 15.20
C ALA A 36 0.53 -13.83 15.45
N PRO A 37 0.10 -14.91 16.11
CA PRO A 37 -1.32 -15.01 16.49
C PRO A 37 -1.75 -13.81 17.32
N ILE A 38 -3.05 -13.53 17.28
CA ILE A 38 -3.65 -12.44 18.05
C ILE A 38 -4.69 -12.97 19.04
N ILE A 39 -4.91 -14.28 19.04
CA ILE A 39 -5.71 -14.99 20.03
C ILE A 39 -4.83 -16.10 20.61
N SER A 40 -5.27 -16.70 21.69
CA SER A 40 -4.48 -17.73 22.23
C SER A 40 -4.59 -18.94 21.37
N ASP A 41 -3.71 -19.85 21.67
CA ASP A 41 -3.73 -21.12 21.04
C ASP A 41 -4.97 -21.86 21.50
N ALA A 42 -5.46 -21.57 22.68
CA ALA A 42 -6.62 -22.30 23.21
C ALA A 42 -7.89 -21.88 22.49
N GLU A 43 -8.22 -20.58 22.57
CA GLU A 43 -9.32 -20.02 21.78
C GLU A 43 -9.32 -20.59 20.37
N PHE A 44 -8.17 -20.59 19.69
CA PHE A 44 -8.18 -21.10 18.32
C PHE A 44 -8.75 -22.51 18.27
N ASP A 45 -8.42 -23.35 19.26
CA ASP A 45 -8.85 -24.75 19.24
C ASP A 45 -10.38 -24.89 19.36
N GLU A 46 -11.00 -24.10 20.25
CA GLU A 46 -12.46 -23.92 20.21
C GLU A 46 -12.94 -23.67 18.77
N LEU A 47 -12.46 -22.58 18.12
CA LEU A 47 -12.94 -22.24 16.78
C LEU A 47 -12.89 -23.42 15.81
N LEU A 48 -11.73 -24.09 15.70
CA LEU A 48 -11.59 -25.11 14.66
C LEU A 48 -12.48 -26.33 14.94
N ARG A 49 -12.64 -26.69 16.21
CA ARG A 49 -13.58 -27.75 16.56
C ARG A 49 -14.96 -27.42 15.99
N ARG A 50 -15.51 -26.27 16.38
CA ARG A 50 -16.84 -25.83 15.93
C ARG A 50 -17.02 -25.98 14.42
N LEU A 51 -16.09 -25.43 13.64
CA LEU A 51 -16.20 -25.49 12.17
C LEU A 51 -16.15 -26.91 11.65
N GLU A 52 -15.45 -27.80 12.34
CA GLU A 52 -15.47 -29.20 11.96
C GLU A 52 -16.73 -29.92 12.45
N ALA A 53 -17.18 -29.60 13.66
CA ALA A 53 -18.54 -29.95 14.06
C ALA A 53 -19.54 -29.55 12.97
N LEU A 54 -19.68 -28.25 12.74
CA LEU A 54 -20.62 -27.77 11.74
C LEU A 54 -20.42 -28.42 10.38
N GLU A 55 -19.18 -28.73 10.01
CA GLU A 55 -18.94 -29.42 8.75
C GLU A 55 -19.32 -30.90 8.83
N GLU A 56 -19.32 -31.46 10.05
CA GLU A 56 -19.84 -32.80 10.25
C GLU A 56 -21.31 -32.86 9.85
N GLN A 57 -22.16 -32.07 10.51
CA GLN A 57 -23.61 -32.12 10.20
C GLN A 57 -23.89 -31.85 8.72
N HIS A 58 -23.19 -30.89 8.10
CA HIS A 58 -23.45 -30.51 6.70
C HIS A 58 -22.21 -30.76 5.84
N PRO A 59 -22.08 -31.97 5.31
CA PRO A 59 -20.91 -32.32 4.47
C PRO A 59 -20.86 -31.64 3.11
N GLU A 60 -21.85 -30.81 2.79
CA GLU A 60 -21.72 -29.99 1.59
C GLU A 60 -20.54 -29.02 1.75
N LEU A 61 -20.40 -28.48 2.93
CA LEU A 61 -19.49 -27.47 3.39
C LEU A 61 -18.03 -27.93 3.62
N ARG A 62 -17.59 -29.17 3.48
CA ARG A 62 -16.19 -29.55 3.51
C ARG A 62 -15.81 -29.65 2.04
N THR A 63 -14.98 -28.73 1.61
CA THR A 63 -14.43 -28.71 0.23
C THR A 63 -12.90 -28.75 0.35
N PRO A 64 -12.23 -29.10 -0.76
CA PRO A 64 -10.75 -29.04 -0.71
C PRO A 64 -10.21 -27.67 -0.31
N ASP A 65 -11.00 -26.60 -0.44
CA ASP A 65 -10.60 -25.24 -0.09
C ASP A 65 -11.10 -24.81 1.27
N SER A 66 -11.28 -25.74 2.23
CA SER A 66 -11.83 -25.32 3.50
C SER A 66 -10.74 -25.17 4.52
N PRO A 67 -10.78 -24.19 5.43
CA PRO A 67 -9.70 -24.09 6.41
C PRO A 67 -9.42 -25.43 7.10
N THR A 68 -10.42 -26.33 7.23
CA THR A 68 -10.23 -27.62 7.90
C THR A 68 -9.48 -28.62 7.04
N GLN A 69 -9.25 -28.28 5.77
CA GLN A 69 -8.46 -29.10 4.83
C GLN A 69 -7.14 -28.44 4.40
N LEU A 70 -6.76 -27.37 5.06
CA LEU A 70 -5.57 -26.63 4.76
C LEU A 70 -5.08 -26.40 6.15
N VAL A 71 -4.68 -27.48 6.76
CA VAL A 71 -4.35 -27.48 8.13
C VAL A 71 -3.03 -27.14 8.69
N GLY A 72 -1.90 -27.47 8.11
CA GLY A 72 -0.66 -27.18 8.83
C GLY A 72 -0.43 -25.69 8.82
N GLY A 73 -0.02 -25.28 7.67
CA GLY A 73 -0.03 -23.91 7.27
C GLY A 73 -0.08 -23.96 5.77
N ALA A 74 -0.86 -24.83 5.15
CA ALA A 74 -0.85 -24.95 3.73
C ALA A 74 -1.87 -24.09 3.06
N GLY A 75 -1.79 -24.02 1.75
CA GLY A 75 -2.75 -23.23 1.04
C GLY A 75 -2.46 -21.75 0.96
N PHE A 76 -1.30 -21.30 1.43
CA PHE A 76 -0.89 -19.90 1.49
C PHE A 76 0.30 -19.67 0.56
N ALA A 77 0.03 -19.54 -0.72
CA ALA A 77 1.10 -19.20 -1.64
C ALA A 77 0.65 -18.04 -2.52
N THR A 78 1.61 -17.20 -2.90
CA THR A 78 1.44 -16.15 -3.88
C THR A 78 1.83 -16.70 -5.25
N ASP A 79 0.98 -16.39 -6.26
CA ASP A 79 1.18 -16.78 -7.66
C ASP A 79 1.11 -15.59 -8.62
N PHE A 80 0.99 -14.37 -8.11
CA PHE A 80 1.19 -13.19 -8.95
C PHE A 80 0.12 -13.10 -10.04
N GLU A 81 -1.04 -13.73 -9.80
CA GLU A 81 -2.07 -13.76 -10.84
C GLU A 81 -2.40 -12.34 -11.25
N PRO A 82 -2.58 -12.07 -12.52
CA PRO A 82 -3.01 -10.71 -12.90
C PRO A 82 -4.30 -10.34 -12.16
N VAL A 83 -4.40 -9.07 -11.74
CA VAL A 83 -5.57 -8.53 -11.06
C VAL A 83 -5.69 -7.08 -11.51
N ASP A 84 -6.90 -6.61 -11.70
CA ASP A 84 -7.15 -5.27 -12.22
C ASP A 84 -7.16 -4.28 -11.06
N HIS A 85 -6.54 -3.11 -11.26
CA HIS A 85 -6.76 -1.93 -10.45
C HIS A 85 -8.14 -1.38 -10.75
N LEU A 86 -8.79 -0.84 -9.72
CA LEU A 86 -10.10 -0.20 -9.88
C LEU A 86 -10.01 1.05 -10.74
N GLU A 87 -8.99 1.81 -10.54
CA GLU A 87 -8.71 3.01 -11.26
C GLU A 87 -7.37 2.84 -11.86
N ARG A 88 -7.06 3.68 -12.77
CA ARG A 88 -5.93 3.45 -13.58
C ARG A 88 -4.56 3.33 -13.03
N MET A 89 -4.16 3.89 -11.94
CA MET A 89 -2.74 3.88 -11.52
C MET A 89 -1.54 4.24 -12.40
N LEU A 90 -1.61 5.39 -13.01
CA LEU A 90 -0.59 5.87 -13.94
C LEU A 90 0.73 6.23 -13.25
N SER A 91 1.78 6.38 -14.03
CA SER A 91 3.11 6.76 -13.56
C SER A 91 3.32 8.25 -13.81
N LEU A 92 4.23 8.86 -13.04
CA LEU A 92 4.33 10.31 -12.99
C LEU A 92 5.40 10.81 -13.92
N ASP A 93 5.05 11.77 -14.75
CA ASP A 93 6.06 12.51 -15.50
C ASP A 93 7.11 13.03 -14.55
N ASN A 94 8.29 13.30 -15.09
CA ASN A 94 9.44 13.72 -14.31
C ASN A 94 9.92 15.06 -14.83
N ALA A 95 10.49 15.84 -13.91
CA ALA A 95 11.17 17.12 -14.14
C ALA A 95 12.54 16.98 -13.49
N PHE A 96 13.59 17.35 -14.23
CA PHE A 96 14.97 17.28 -13.77
C PHE A 96 15.65 18.65 -13.59
N THR A 97 15.03 19.74 -14.05
CA THR A 97 15.72 21.03 -14.04
C THR A 97 14.76 22.09 -13.55
N ALA A 98 15.33 23.19 -13.07
CA ALA A 98 14.48 24.28 -12.60
C ALA A 98 13.55 24.76 -13.74
N ASP A 99 14.05 24.79 -14.98
CA ASP A 99 13.23 25.29 -16.09
C ASP A 99 12.02 24.39 -16.38
N GLU A 100 12.19 23.07 -16.27
CA GLU A 100 11.05 22.19 -16.57
C GLU A 100 9.96 22.32 -15.51
N LEU A 101 10.35 22.35 -14.24
CA LEU A 101 9.36 22.51 -13.19
C LEU A 101 8.65 23.85 -13.33
N ALA A 102 9.39 24.91 -13.64
CA ALA A 102 8.75 26.18 -13.94
C ALA A 102 7.77 26.04 -15.10
N ALA A 103 8.22 25.43 -16.22
CA ALA A 103 7.34 25.20 -17.35
C ALA A 103 6.09 24.43 -16.93
N TRP A 104 6.24 23.42 -16.10
CA TRP A 104 5.08 22.69 -15.63
C TRP A 104 4.16 23.61 -14.87
N ALA A 105 4.67 24.46 -14.05
CA ALA A 105 3.83 25.39 -13.36
C ALA A 105 3.15 26.41 -14.11
N GLY A 106 3.84 26.91 -15.08
CA GLY A 106 3.26 27.88 -15.93
C GLY A 106 2.07 27.23 -16.53
N ARG A 107 2.27 26.06 -17.14
CA ARG A 107 1.14 25.39 -17.78
C ARG A 107 0.02 25.18 -16.77
N ILE A 108 0.36 24.78 -15.54
CA ILE A 108 -0.68 24.56 -14.54
C ILE A 108 -1.36 25.83 -14.07
N HIS A 109 -0.68 26.95 -14.13
CA HIS A 109 -1.32 28.18 -13.70
C HIS A 109 -2.12 28.82 -14.79
N ALA A 110 -1.88 28.38 -16.01
CA ALA A 110 -2.64 28.80 -17.13
C ALA A 110 -3.92 28.05 -17.34
N GLU A 111 -4.18 26.96 -16.65
CA GLU A 111 -5.41 26.28 -16.83
C GLU A 111 -6.35 26.35 -15.68
N VAL A 112 -5.87 26.24 -14.46
CA VAL A 112 -6.80 26.28 -13.36
C VAL A 112 -6.38 27.41 -12.51
N GLY A 113 -5.97 28.43 -13.19
CA GLY A 113 -5.84 29.76 -12.70
C GLY A 113 -4.98 29.90 -11.49
N ASP A 114 -5.37 30.66 -10.42
CA ASP A 114 -4.54 30.78 -9.19
C ASP A 114 -5.16 30.10 -7.99
N ALA A 115 -6.11 29.24 -8.21
CA ALA A 115 -6.77 28.43 -7.18
C ALA A 115 -5.99 27.19 -6.75
N ALA A 116 -4.91 26.86 -7.42
CA ALA A 116 -4.20 25.61 -7.18
C ALA A 116 -3.04 25.82 -6.22
N HIS A 117 -3.05 25.09 -5.10
CA HIS A 117 -1.90 24.98 -4.22
C HIS A 117 -1.23 23.64 -4.49
N TYR A 118 0.02 23.51 -4.03
CA TYR A 118 0.86 22.37 -4.32
C TYR A 118 1.28 21.63 -3.06
N LEU A 119 0.77 20.41 -2.90
CA LEU A 119 1.29 19.45 -1.94
C LEU A 119 2.62 18.92 -2.45
N CYS A 120 3.59 18.89 -1.55
CA CYS A 120 4.98 18.58 -1.81
C CYS A 120 5.27 17.38 -0.91
N GLU A 121 5.72 16.27 -1.48
CA GLU A 121 5.99 15.10 -0.68
C GLU A 121 7.24 14.40 -1.20
N LEU A 122 7.93 13.78 -0.26
CA LEU A 122 9.18 13.12 -0.57
C LEU A 122 8.95 11.90 -1.44
N LYS A 123 9.71 11.80 -2.53
CA LYS A 123 9.56 10.62 -3.37
C LYS A 123 10.47 9.54 -2.80
N ILE A 124 9.90 8.43 -2.41
CA ILE A 124 10.63 7.26 -1.90
C ILE A 124 10.96 6.35 -3.07
N ASP A 125 12.18 5.81 -3.07
CA ASP A 125 12.64 4.97 -4.17
C ASP A 125 12.45 3.51 -3.80
N GLY A 126 11.19 3.09 -3.71
CA GLY A 126 10.83 1.71 -3.41
C GLY A 126 9.90 1.09 -4.44
N VAL A 127 8.96 0.23 -4.02
CA VAL A 127 8.06 -0.47 -4.94
C VAL A 127 6.63 0.03 -4.71
N ALA A 128 5.99 0.50 -5.77
CA ALA A 128 4.60 0.92 -5.71
C ALA A 128 3.73 -0.28 -5.37
N LEU A 129 2.83 -0.11 -4.40
CA LEU A 129 1.82 -1.09 -4.02
C LEU A 129 0.47 -0.41 -3.96
N SER A 130 -0.54 -1.03 -4.58
CA SER A 130 -1.93 -0.58 -4.53
C SER A 130 -2.70 -1.56 -3.68
N LEU A 131 -3.39 -1.02 -2.67
CA LEU A 131 -4.22 -1.77 -1.74
C LEU A 131 -5.69 -1.36 -1.85
N VAL A 132 -6.57 -2.34 -1.69
CA VAL A 132 -8.02 -2.15 -1.78
C VAL A 132 -8.62 -2.65 -0.47
N TYR A 133 -9.35 -1.75 0.18
CA TYR A 133 -10.15 -2.00 1.38
C TYR A 133 -11.62 -1.93 1.00
N ARG A 134 -12.37 -2.97 1.36
CA ARG A 134 -13.82 -3.07 1.17
C ARG A 134 -14.43 -3.05 2.57
N GLU A 135 -15.24 -2.04 2.82
CA GLU A 135 -15.79 -1.72 4.13
C GLU A 135 -14.77 -1.97 5.25
N GLY A 136 -13.57 -1.44 5.06
CA GLY A 136 -12.62 -1.38 6.13
C GLY A 136 -11.82 -2.63 6.33
N ARG A 137 -12.03 -3.65 5.50
CA ARG A 137 -11.18 -4.82 5.48
C ARG A 137 -10.30 -4.86 4.22
N LEU A 138 -9.03 -5.26 4.38
CA LEU A 138 -8.10 -5.33 3.25
C LEU A 138 -8.39 -6.57 2.40
N THR A 139 -8.78 -6.33 1.16
CA THR A 139 -9.22 -7.31 0.19
C THR A 139 -8.14 -7.71 -0.81
N ARG A 140 -7.31 -6.78 -1.26
CA ARG A 140 -6.39 -7.04 -2.36
C ARG A 140 -5.21 -6.10 -2.19
N ALA A 141 -4.04 -6.54 -2.63
CA ALA A 141 -2.89 -5.67 -2.79
C ALA A 141 -2.27 -6.14 -4.07
N SER A 142 -1.81 -5.21 -4.88
CA SER A 142 -1.18 -5.63 -6.13
C SER A 142 -0.10 -4.64 -6.50
N THR A 143 0.75 -5.06 -7.39
CA THR A 143 1.78 -4.23 -7.93
C THR A 143 1.27 -3.42 -9.07
N ARG A 144 2.05 -2.50 -9.56
CA ARG A 144 1.64 -1.68 -10.64
C ARG A 144 1.38 -2.37 -11.94
N GLY A 145 2.15 -3.31 -12.37
CA GLY A 145 1.95 -3.92 -13.67
C GLY A 145 2.08 -2.83 -14.69
N ASP A 146 1.11 -2.78 -15.61
CA ASP A 146 1.09 -1.86 -16.65
C ASP A 146 0.21 -0.71 -16.40
N GLY A 147 -0.30 -0.57 -15.21
CA GLY A 147 -1.11 0.55 -14.92
C GLY A 147 -2.53 0.20 -14.80
N ARG A 148 -2.99 -0.78 -15.52
CA ARG A 148 -4.37 -1.15 -15.49
C ARG A 148 -4.48 -2.46 -14.77
N THR A 149 -3.48 -3.31 -14.93
CA THR A 149 -3.42 -4.64 -14.35
C THR A 149 -2.05 -4.81 -13.74
N GLY A 150 -1.99 -5.33 -12.52
CA GLY A 150 -0.80 -5.66 -11.80
C GLY A 150 -0.88 -7.01 -11.22
N GLU A 151 0.02 -7.35 -10.33
CA GLU A 151 0.04 -8.67 -9.81
C GLU A 151 -0.40 -8.84 -8.43
N ASP A 152 -1.07 -9.91 -8.10
CA ASP A 152 -1.65 -10.16 -6.78
C ASP A 152 -0.54 -10.64 -5.85
N VAL A 153 -0.25 -9.82 -4.82
CA VAL A 153 0.74 -10.09 -3.79
C VAL A 153 0.02 -9.84 -2.46
N THR A 154 -1.28 -10.09 -2.43
CA THR A 154 -2.12 -9.79 -1.27
C THR A 154 -1.58 -10.44 -0.01
N LEU A 155 -1.23 -11.72 -0.06
CA LEU A 155 -0.70 -12.40 1.13
C LEU A 155 0.58 -11.71 1.64
N ASN A 156 1.52 -11.40 0.73
CA ASN A 156 2.75 -10.74 1.19
C ASN A 156 2.46 -9.41 1.85
N ALA A 157 1.54 -8.62 1.31
CA ALA A 157 1.25 -7.30 1.86
C ALA A 157 0.57 -7.38 3.23
N ARG A 158 -0.20 -8.45 3.46
CA ARG A 158 -0.80 -8.74 4.77
C ARG A 158 0.23 -8.99 5.88
N THR A 159 1.51 -9.28 5.54
CA THR A 159 2.56 -9.42 6.56
C THR A 159 3.27 -8.13 6.88
N ILE A 160 3.06 -7.08 6.09
CA ILE A 160 3.76 -5.83 6.34
C ILE A 160 3.17 -5.15 7.58
N ALA A 161 4.00 -4.95 8.59
CA ALA A 161 3.55 -4.41 9.86
C ALA A 161 2.80 -3.11 9.69
N ASP A 162 3.19 -2.30 8.74
CA ASP A 162 2.56 -1.02 8.50
C ASP A 162 1.15 -1.14 7.90
N VAL A 163 0.74 -2.31 7.42
CA VAL A 163 -0.49 -2.42 6.64
C VAL A 163 -1.56 -3.04 7.52
N PRO A 164 -2.46 -2.25 8.12
CA PRO A 164 -3.52 -2.79 8.96
C PRO A 164 -4.36 -3.68 8.10
N GLU A 165 -4.76 -4.80 8.67
CA GLU A 165 -5.75 -5.64 8.01
C GLU A 165 -7.13 -4.97 7.94
N ARG A 166 -7.41 -4.07 8.86
CA ARG A 166 -8.73 -3.48 9.00
C ARG A 166 -8.53 -2.01 9.33
N LEU A 167 -9.40 -1.15 8.82
CA LEU A 167 -9.29 0.29 9.07
C LEU A 167 -9.95 0.64 10.40
N THR A 168 -9.43 1.64 11.10
CA THR A 168 -9.92 2.01 12.44
C THR A 168 -11.05 3.02 12.30
N PRO A 169 -12.25 2.73 12.80
CA PRO A 169 -13.36 3.68 12.70
C PRO A 169 -13.19 4.75 13.75
N GLY A 170 -13.65 5.95 13.41
CA GLY A 170 -13.56 7.13 14.24
C GLY A 170 -14.73 8.04 13.92
N ASP A 171 -14.97 9.00 14.84
CA ASP A 171 -16.01 10.02 14.66
C ASP A 171 -15.78 10.83 13.39
N ASP A 172 -14.65 11.52 13.31
CA ASP A 172 -14.45 12.53 12.29
C ASP A 172 -14.50 11.97 10.87
N TYR A 173 -14.08 10.73 10.67
CA TYR A 173 -13.92 10.17 9.32
C TYR A 173 -14.48 8.76 9.16
N PRO A 174 -15.66 8.62 8.56
CA PRO A 174 -16.27 7.29 8.42
C PRO A 174 -15.54 6.41 7.42
N VAL A 175 -15.53 5.12 7.71
CA VAL A 175 -14.73 4.21 6.87
C VAL A 175 -15.38 4.09 5.50
N PRO A 176 -14.68 4.37 4.42
CA PRO A 176 -15.31 4.29 3.12
C PRO A 176 -15.80 2.88 2.87
N GLU A 177 -16.69 2.78 1.87
CA GLU A 177 -17.20 1.47 1.43
C GLU A 177 -16.15 0.76 0.61
N VAL A 178 -15.52 1.48 -0.31
CA VAL A 178 -14.38 1.00 -1.05
C VAL A 178 -13.30 2.06 -0.89
N LEU A 179 -12.06 1.64 -0.59
CA LEU A 179 -10.91 2.54 -0.62
C LEU A 179 -9.72 1.83 -1.26
N GLU A 180 -9.29 2.38 -2.40
CA GLU A 180 -8.12 1.98 -3.13
C GLU A 180 -7.08 3.03 -2.86
N VAL A 181 -6.02 2.64 -2.17
CA VAL A 181 -4.98 3.55 -1.71
C VAL A 181 -3.65 3.02 -2.21
N ARG A 182 -2.83 3.94 -2.70
CA ARG A 182 -1.52 3.68 -3.22
C ARG A 182 -0.42 4.12 -2.28
N GLY A 183 0.65 3.35 -2.24
CA GLY A 183 1.81 3.68 -1.45
C GLY A 183 3.06 3.01 -1.97
N GLU A 184 4.15 3.27 -1.25
CA GLU A 184 5.48 2.77 -1.57
C GLU A 184 5.95 1.86 -0.44
N VAL A 185 6.44 0.68 -0.81
CA VAL A 185 7.06 -0.24 0.13
C VAL A 185 8.58 -0.09 -0.04
N PHE A 186 9.31 -0.21 1.05
CA PHE A 186 10.73 0.13 1.07
C PHE A 186 11.34 -0.45 2.33
N PHE A 187 12.69 -0.49 2.36
CA PHE A 187 13.47 -0.89 3.52
C PHE A 187 14.09 0.35 4.09
N ARG A 188 14.16 0.41 5.39
CA ARG A 188 15.09 1.34 6.03
C ARG A 188 16.49 0.89 5.73
N LEU A 189 17.40 1.85 5.72
CA LEU A 189 18.77 1.52 5.36
C LEU A 189 19.39 0.52 6.33
N ASP A 190 19.21 0.74 7.63
CA ASP A 190 19.79 -0.21 8.60
C ASP A 190 19.22 -1.63 8.41
N ASP A 191 17.93 -1.76 8.04
CA ASP A 191 17.38 -3.11 7.83
C ASP A 191 17.80 -3.71 6.49
N PHE A 192 17.97 -2.89 5.43
CA PHE A 192 18.52 -3.41 4.18
C PHE A 192 19.87 -4.10 4.44
N GLN A 193 20.76 -3.45 5.21
CA GLN A 193 22.08 -4.03 5.48
C GLN A 193 21.94 -5.29 6.33
N ALA A 194 21.10 -5.25 7.37
CA ALA A 194 20.93 -6.43 8.23
C ALA A 194 20.36 -7.60 7.45
N LEU A 195 19.41 -7.33 6.56
CA LEU A 195 18.90 -8.45 5.76
C LEU A 195 20.02 -9.01 4.89
N ASN A 196 20.84 -8.13 4.28
CA ASN A 196 21.91 -8.62 3.42
C ASN A 196 22.87 -9.55 4.20
N ALA A 197 23.22 -9.18 5.43
CA ALA A 197 24.12 -10.02 6.23
C ALA A 197 23.46 -11.37 6.52
N SER A 198 22.18 -11.35 6.89
CA SER A 198 21.49 -12.60 7.17
C SER A 198 21.48 -13.51 5.95
N LEU A 199 21.32 -12.94 4.76
CA LEU A 199 21.26 -13.77 3.55
C LEU A 199 22.63 -14.36 3.20
N VAL A 200 23.66 -13.52 3.22
CA VAL A 200 25.01 -14.02 2.98
C VAL A 200 25.32 -15.13 3.98
N GLU A 201 24.86 -14.97 5.21
CA GLU A 201 25.11 -15.96 6.23
C GLU A 201 24.45 -17.30 5.95
N GLU A 202 23.50 -17.33 5.02
CA GLU A 202 22.88 -18.58 4.59
C GLU A 202 23.41 -19.03 3.24
N GLY A 203 24.47 -18.40 2.74
CA GLY A 203 24.90 -18.74 1.40
C GLY A 203 24.09 -18.14 0.26
N LYS A 204 23.26 -17.15 0.54
CA LYS A 204 22.45 -16.49 -0.50
C LYS A 204 23.12 -15.20 -0.94
N ALA A 205 22.90 -14.83 -2.18
CA ALA A 205 23.50 -13.57 -2.59
C ALA A 205 22.77 -12.39 -1.96
N PRO A 206 23.51 -11.35 -1.60
CA PRO A 206 22.88 -10.10 -1.12
C PRO A 206 22.32 -9.27 -2.28
N PHE A 207 21.43 -8.32 -1.92
CA PHE A 207 20.92 -7.35 -2.88
C PHE A 207 21.88 -6.16 -3.02
N ALA A 208 21.96 -5.64 -4.23
CA ALA A 208 22.77 -4.48 -4.51
C ALA A 208 22.17 -3.17 -3.99
N ASN A 209 20.87 -3.07 -3.82
CA ASN A 209 20.34 -1.81 -3.28
C ASN A 209 18.97 -2.06 -2.57
N PRO A 210 18.55 -1.11 -1.75
CA PRO A 210 17.30 -1.30 -0.98
C PRO A 210 16.04 -1.49 -1.82
N ARG A 211 15.96 -0.87 -2.99
CA ARG A 211 14.77 -1.01 -3.83
C ARG A 211 14.62 -2.45 -4.29
N ASN A 212 15.68 -3.00 -4.87
CA ASN A 212 15.68 -4.40 -5.27
C ASN A 212 15.37 -5.33 -4.08
N SER A 213 15.86 -4.97 -2.90
CA SER A 213 15.62 -5.81 -1.74
C SER A 213 14.12 -5.79 -1.41
N ALA A 214 13.50 -4.62 -1.46
CA ALA A 214 12.07 -4.52 -1.12
C ALA A 214 11.23 -5.24 -2.16
N ALA A 215 11.55 -5.01 -3.43
CA ALA A 215 10.86 -5.70 -4.51
C ALA A 215 11.06 -7.21 -4.38
N GLY A 216 12.29 -7.65 -4.15
CA GLY A 216 12.52 -9.08 -3.96
C GLY A 216 11.76 -9.66 -2.77
N SER A 217 11.82 -8.97 -1.64
CA SER A 217 11.19 -9.46 -0.42
C SER A 217 9.66 -9.37 -0.51
N LEU A 218 9.12 -8.48 -1.34
CA LEU A 218 7.67 -8.44 -1.53
C LEU A 218 7.21 -9.64 -2.37
N ARG A 219 7.93 -9.90 -3.47
CA ARG A 219 7.53 -10.92 -4.45
C ARG A 219 8.07 -12.31 -4.09
N GLN A 220 7.48 -12.90 -3.06
CA GLN A 220 7.81 -14.21 -2.55
C GLN A 220 6.59 -15.12 -2.75
N LYS A 221 6.78 -16.15 -3.58
CA LYS A 221 5.81 -17.25 -3.66
C LYS A 221 5.31 -17.66 -2.27
N ASP A 222 6.18 -17.74 -1.28
CA ASP A 222 5.82 -18.11 0.07
C ASP A 222 5.80 -16.87 0.93
N PRO A 223 4.63 -16.41 1.38
CA PRO A 223 4.59 -15.12 2.08
C PRO A 223 5.26 -15.13 3.42
N ALA A 224 5.53 -16.30 3.98
CA ALA A 224 6.23 -16.32 5.26
C ALA A 224 7.64 -15.71 5.13
N VAL A 225 8.25 -15.80 3.96
CA VAL A 225 9.54 -15.14 3.75
C VAL A 225 9.39 -13.63 3.93
N THR A 226 8.37 -13.03 3.28
CA THR A 226 8.07 -11.61 3.45
C THR A 226 7.81 -11.28 4.91
N ALA A 227 7.10 -12.14 5.63
CA ALA A 227 6.78 -11.77 7.02
C ALA A 227 8.04 -11.69 7.87
N ARG A 228 9.04 -12.50 7.55
CA ARG A 228 10.33 -12.40 8.25
C ARG A 228 11.13 -11.12 7.97
N ARG A 229 10.74 -10.28 7.01
CA ARG A 229 11.52 -9.10 6.64
C ARG A 229 10.81 -7.81 6.98
N ARG A 230 11.60 -6.83 7.40
CA ARG A 230 11.08 -5.63 8.03
C ARG A 230 10.75 -4.56 6.98
N LEU A 231 9.91 -4.99 6.07
CA LEU A 231 9.39 -4.11 5.04
C LEU A 231 8.50 -3.04 5.64
N ARG A 232 8.47 -1.86 5.05
CA ARG A 232 7.64 -0.75 5.47
C ARG A 232 6.78 -0.21 4.37
N MET A 233 5.84 0.65 4.65
CA MET A 233 4.96 1.21 3.68
C MET A 233 4.50 2.59 4.02
N ILE A 234 4.39 3.50 3.07
CA ILE A 234 3.86 4.85 3.26
C ILE A 234 2.92 5.16 2.10
N CYS A 235 1.64 5.38 2.42
CA CYS A 235 0.60 5.73 1.46
C CYS A 235 0.83 7.13 0.90
N HIS A 236 0.54 7.33 -0.39
CA HIS A 236 0.83 8.60 -1.03
C HIS A 236 -0.09 8.91 -2.22
N GLY A 237 -1.27 8.33 -2.26
CA GLY A 237 -2.19 8.62 -3.34
C GLY A 237 -3.42 7.77 -3.15
N LEU A 238 -4.51 8.23 -3.77
CA LEU A 238 -5.78 7.52 -3.70
C LEU A 238 -6.11 7.09 -5.11
N GLY A 239 -6.60 5.87 -5.26
CA GLY A 239 -7.24 5.49 -6.52
C GLY A 239 -8.77 5.59 -6.44
N HIS A 240 -9.51 4.51 -6.69
CA HIS A 240 -10.97 4.54 -6.61
C HIS A 240 -11.42 4.54 -5.16
N VAL A 241 -12.44 5.36 -4.83
CA VAL A 241 -12.97 5.41 -3.47
C VAL A 241 -14.49 5.53 -3.53
N GLU A 242 -15.17 4.93 -2.57
CA GLU A 242 -16.57 5.07 -2.38
C GLU A 242 -16.79 5.34 -0.89
N GLY A 243 -17.77 6.13 -0.62
CA GLY A 243 -18.08 6.68 0.67
C GLY A 243 -17.02 7.57 1.24
N PHE A 244 -16.38 8.38 0.42
CA PHE A 244 -15.24 9.20 0.82
C PHE A 244 -15.07 10.17 -0.34
N ARG A 245 -15.24 11.48 -0.06
CA ARG A 245 -15.12 12.52 -1.08
C ARG A 245 -14.35 13.67 -0.45
N PRO A 246 -13.00 13.56 -0.32
CA PRO A 246 -12.20 14.64 0.27
C PRO A 246 -11.94 15.74 -0.73
N ALA A 247 -11.95 16.95 -0.22
CA ALA A 247 -11.87 18.11 -1.07
C ALA A 247 -10.45 18.35 -1.49
N THR A 248 -9.49 17.96 -0.67
CA THR A 248 -8.07 18.08 -1.02
C THR A 248 -7.29 16.81 -0.71
N LEU A 249 -6.10 16.70 -1.36
CA LEU A 249 -5.20 15.60 -1.04
C LEU A 249 -4.70 15.69 0.40
N HIS A 250 -4.29 16.88 0.84
CA HIS A 250 -3.73 17.01 2.20
C HIS A 250 -4.77 16.65 3.23
N GLN A 251 -6.05 16.91 2.96
CA GLN A 251 -7.07 16.49 3.92
C GLN A 251 -7.39 15.01 3.82
N ALA A 252 -7.20 14.39 2.65
CA ALA A 252 -7.40 12.94 2.57
C ALA A 252 -6.38 12.20 3.43
N TYR A 253 -5.14 12.67 3.41
CA TYR A 253 -4.12 12.12 4.33
C TYR A 253 -4.59 12.11 5.80
N LEU A 254 -5.23 13.19 6.24
CA LEU A 254 -5.76 13.19 7.61
C LEU A 254 -6.72 12.02 7.85
N ALA A 255 -7.64 11.77 6.91
CA ALA A 255 -8.49 10.60 7.05
C ALA A 255 -7.69 9.30 7.06
N LEU A 256 -6.72 9.16 6.14
CA LEU A 256 -5.87 7.95 6.12
C LEU A 256 -5.18 7.73 7.47
N ARG A 257 -4.50 8.75 8.00
CA ARG A 257 -3.98 8.69 9.37
C ARG A 257 -5.03 8.11 10.30
N ALA A 258 -6.14 8.84 10.41
CA ALA A 258 -7.23 8.46 11.31
C ALA A 258 -7.61 7.00 11.17
N TRP A 259 -7.71 6.48 9.93
CA TRP A 259 -8.06 5.06 9.77
C TRP A 259 -6.89 4.14 10.08
N GLY A 260 -5.71 4.69 10.36
CA GLY A 260 -4.56 3.82 10.65
C GLY A 260 -3.70 3.45 9.46
N LEU A 261 -3.70 4.21 8.44
CA LEU A 261 -2.78 3.89 7.36
C LEU A 261 -1.52 4.74 7.50
N PRO A 262 -0.41 4.21 7.13
CA PRO A 262 0.80 4.94 7.35
C PRO A 262 0.95 6.06 6.40
N VAL A 263 1.36 7.21 6.86
CA VAL A 263 1.50 8.39 6.07
C VAL A 263 2.77 9.04 6.54
N SER A 264 3.51 9.74 5.75
CA SER A 264 4.72 10.47 5.91
C SER A 264 4.56 11.79 6.66
N GLU A 265 5.54 12.15 7.47
CA GLU A 265 5.51 13.47 8.12
C GLU A 265 6.27 14.59 7.37
N HIS A 266 6.78 14.32 6.17
CA HIS A 266 7.57 15.30 5.43
C HIS A 266 6.75 15.91 4.30
N THR A 267 5.42 15.80 4.36
CA THR A 267 4.53 16.43 3.41
C THR A 267 4.28 17.86 3.87
N THR A 268 4.46 18.83 2.96
CA THR A 268 4.15 20.23 3.18
C THR A 268 3.23 20.74 2.07
N LEU A 269 2.50 21.78 2.39
CA LEU A 269 1.54 22.40 1.47
C LEU A 269 2.15 23.70 1.02
N ALA A 270 2.25 23.92 -0.28
CA ALA A 270 2.88 25.13 -0.77
C ALA A 270 1.89 25.93 -1.59
N THR A 271 1.94 27.22 -1.36
CA THR A 271 1.27 28.25 -2.12
C THR A 271 2.11 28.84 -3.22
N ASP A 272 1.82 28.64 -4.48
CA ASP A 272 2.76 29.01 -5.56
C ASP A 272 4.11 28.29 -5.81
N LEU A 273 4.78 28.60 -6.89
CA LEU A 273 5.96 27.89 -7.23
C LEU A 273 7.05 28.15 -6.30
N ALA A 274 7.23 29.37 -5.89
CA ALA A 274 8.35 29.72 -5.08
C ALA A 274 8.40 28.88 -3.86
N GLY A 275 7.29 28.60 -3.14
CA GLY A 275 7.27 27.64 -2.05
C GLY A 275 7.76 26.28 -2.49
N VAL A 276 7.26 25.80 -3.63
CA VAL A 276 7.68 24.50 -4.14
C VAL A 276 9.20 24.45 -4.18
N ARG A 277 9.83 25.51 -4.67
CA ARG A 277 11.27 25.47 -4.95
C ARG A 277 12.09 25.45 -3.66
N GLU A 278 11.60 26.12 -2.62
CA GLU A 278 12.28 26.07 -1.32
C GLU A 278 12.25 24.65 -0.78
N ARG A 279 11.12 23.97 -0.87
CA ARG A 279 11.07 22.57 -0.44
C ARG A 279 12.07 21.71 -1.24
N ILE A 280 12.13 21.89 -2.55
CA ILE A 280 13.07 21.08 -3.34
C ILE A 280 14.51 21.41 -2.96
N ASP A 281 14.82 22.71 -2.81
CA ASP A 281 16.16 23.12 -2.37
C ASP A 281 16.46 22.59 -0.96
N TYR A 282 15.45 22.61 -0.08
CA TYR A 282 15.65 22.14 1.29
C TYR A 282 16.04 20.67 1.33
N TRP A 283 15.26 19.81 0.66
CA TRP A 283 15.45 18.36 0.70
C TRP A 283 16.63 17.95 -0.17
N GLY A 284 16.98 18.80 -1.13
CA GLY A 284 18.25 18.63 -1.80
C GLY A 284 19.40 18.63 -0.81
N GLU A 285 19.30 19.48 0.22
CA GLU A 285 20.38 19.52 1.20
C GLU A 285 20.21 18.54 2.34
N HIS A 286 18.96 18.17 2.71
CA HIS A 286 18.76 17.35 3.91
C HIS A 286 18.24 15.93 3.68
N ARG A 287 17.88 15.55 2.44
CA ARG A 287 17.35 14.20 2.20
C ARG A 287 18.23 13.13 2.83
N HIS A 288 19.56 13.27 2.73
CA HIS A 288 20.47 12.28 3.31
C HIS A 288 20.17 11.96 4.77
N GLU A 289 19.40 12.78 5.48
CA GLU A 289 19.08 12.49 6.89
C GLU A 289 17.85 11.60 7.06
N VAL A 290 17.06 11.40 6.03
CA VAL A 290 15.94 10.47 6.17
C VAL A 290 16.52 9.06 6.23
N ASP A 291 15.93 8.20 7.05
CA ASP A 291 16.42 6.85 7.25
C ASP A 291 16.10 5.90 6.09
N HIS A 292 15.57 6.41 4.98
CA HIS A 292 15.22 5.60 3.80
C HIS A 292 15.47 6.42 2.54
N GLU A 293 15.48 5.79 1.40
CA GLU A 293 15.91 6.47 0.23
C GLU A 293 15.00 7.49 -0.40
N ILE A 294 15.50 8.68 -0.61
CA ILE A 294 14.65 9.70 -1.20
C ILE A 294 15.27 10.12 -2.52
N ASP A 295 14.50 9.96 -3.57
CA ASP A 295 14.67 10.21 -4.99
C ASP A 295 14.56 11.67 -5.37
N GLY A 296 13.60 12.33 -4.75
CA GLY A 296 13.16 13.65 -5.20
C GLY A 296 11.93 14.05 -4.42
N VAL A 297 11.06 14.80 -5.09
CA VAL A 297 9.90 15.43 -4.45
C VAL A 297 8.77 15.42 -5.46
N VAL A 298 7.64 14.90 -5.05
CA VAL A 298 6.49 14.79 -5.92
C VAL A 298 5.60 16.00 -5.63
N VAL A 299 5.36 16.82 -6.64
CA VAL A 299 4.52 18.01 -6.53
C VAL A 299 3.20 17.72 -7.22
N LYS A 300 2.13 17.91 -6.47
CA LYS A 300 0.76 17.65 -6.85
C LYS A 300 -0.09 18.88 -6.57
N VAL A 301 -1.05 19.13 -7.46
CA VAL A 301 -2.12 20.09 -7.18
C VAL A 301 -2.98 19.44 -6.11
N ASP A 302 -3.15 20.13 -5.00
CA ASP A 302 -3.81 19.56 -3.84
C ASP A 302 -5.33 19.47 -3.97
N GLU A 303 -5.93 20.34 -4.77
CA GLU A 303 -7.39 20.44 -4.83
C GLU A 303 -7.94 19.37 -5.78
N VAL A 304 -8.78 18.50 -5.30
CA VAL A 304 -9.28 17.48 -6.12
C VAL A 304 -10.13 17.91 -7.29
N ALA A 305 -10.83 19.02 -7.19
CA ALA A 305 -11.66 19.48 -8.27
C ALA A 305 -10.77 20.00 -9.32
N LEU A 306 -9.68 20.57 -8.94
CA LEU A 306 -8.71 21.01 -9.92
C LEU A 306 -7.94 19.85 -10.54
N GLN A 307 -7.90 18.75 -9.83
CA GLN A 307 -7.39 17.49 -10.32
C GLN A 307 -8.37 16.79 -11.22
N ARG A 308 -9.49 17.37 -11.56
CA ARG A 308 -10.41 16.91 -12.58
C ARG A 308 -10.47 17.84 -13.78
N ARG A 309 -10.66 19.14 -13.56
CA ARG A 309 -10.45 20.09 -14.66
C ARG A 309 -9.15 19.98 -15.46
N LEU A 310 -8.04 19.83 -14.77
CA LEU A 310 -6.85 19.17 -15.27
C LEU A 310 -7.14 17.68 -15.21
N GLY A 311 -6.78 16.96 -16.26
CA GLY A 311 -7.00 15.53 -16.16
C GLY A 311 -5.72 14.72 -16.16
N SER A 312 -5.78 13.55 -16.78
CA SER A 312 -4.62 12.73 -17.06
C SER A 312 -4.58 12.49 -18.56
N THR A 313 -3.37 12.44 -19.09
CA THR A 313 -3.18 11.96 -20.44
C THR A 313 -3.17 10.43 -20.39
N SER A 314 -3.04 9.81 -21.56
CA SER A 314 -3.07 8.36 -21.68
C SER A 314 -2.06 7.67 -20.76
N ARG A 315 -1.01 8.40 -20.35
CA ARG A 315 0.10 7.79 -19.62
C ARG A 315 0.42 8.41 -18.26
N ALA A 316 -0.06 9.61 -17.93
CA ALA A 316 0.41 10.26 -16.72
C ALA A 316 -0.58 11.35 -16.33
N PRO A 317 -0.76 11.58 -15.04
CA PRO A 317 -1.57 12.73 -14.60
C PRO A 317 -0.93 14.03 -15.04
N ARG A 318 -1.79 14.97 -15.36
CA ARG A 318 -1.45 16.34 -15.73
C ARG A 318 -1.37 17.28 -14.52
N TRP A 319 -1.81 16.81 -13.37
CA TRP A 319 -1.83 17.59 -12.18
C TRP A 319 -0.77 17.23 -11.18
N ALA A 320 0.23 16.48 -11.58
CA ALA A 320 1.29 16.13 -10.66
C ALA A 320 2.58 16.04 -11.44
N ILE A 321 3.71 16.08 -10.74
CA ILE A 321 5.02 15.91 -11.37
C ILE A 321 6.03 15.60 -10.28
N ALA A 322 6.91 14.65 -10.58
CA ALA A 322 7.99 14.20 -9.71
C ALA A 322 9.24 14.93 -10.13
N TYR A 323 9.79 15.75 -9.24
CA TYR A 323 11.10 16.37 -9.43
C TYR A 323 12.12 15.39 -8.90
N LYS A 324 13.12 15.10 -9.72
CA LYS A 324 14.13 14.09 -9.41
C LYS A 324 15.47 14.75 -9.24
N TYR A 325 16.11 14.50 -8.10
CA TYR A 325 17.47 14.90 -7.88
C TYR A 325 18.38 14.15 -8.82
N PRO A 326 19.52 14.73 -9.14
CA PRO A 326 20.62 13.96 -9.73
C PRO A 326 21.34 13.19 -8.63
N PRO A 327 21.81 11.93 -8.89
CA PRO A 327 22.19 11.03 -7.77
C PRO A 327 23.54 11.33 -7.12
N GLU A 328 24.63 11.28 -7.89
CA GLU A 328 25.97 11.76 -7.50
C GLU A 328 26.94 11.38 -8.62
#